data_6X42
#
_entry.id   6X42
#
_cell.length_a   102.288
_cell.length_b   102.288
_cell.length_c   71.718
_cell.angle_alpha   90.000
_cell.angle_beta   90.000
_cell.angle_gamma   120.000
#
_symmetry.space_group_name_H-M   'H 3'
#
loop_
_entity.id
_entity.type
_entity.pdbx_description
1 polymer 'Serine repeat antigen 5'
2 non-polymer 'CALCIUM ION'
3 non-polymer 'CHLORIDE ION'
4 non-polymer '5-amino-2,4,6-triiodobenzene-1,3-dicarboxylic acid'
5 non-polymer 1,2-ETHANEDIOL
6 water water
#
_entity_poly.entity_id   1
_entity_poly.type   'polypeptide(L)'
_entity_poly.pdbx_seq_one_letter_code
;VVHVDTTLEKEDTLSYDNSDNMFCNKEYCNRLKDENNCISNLQVEDQGNCDTSWIFASKYHLETIRCMKGYEPTKISALY
VANCYKGEHKDRCDEGSSPMEFLQIIEDYGFLPAESNYPYNYVKVGEQCPKVEDHWMNLWDNGKILHNKNEPNSLDGKGY
TAYESERFHDNMDAFVKIIKTEVMNKGSVIAYIKAENVMGYEFSGKKVQNLCGDDTADHAVNIVGYGNYVNSEGEKKSYW
IVRNSWGPYWGDEGYFKVDMYGPTHCHFNFIHSVVIFNVDLPMNN
;
_entity_poly.pdbx_strand_id   X
#
# COMPACT_ATOMS: atom_id res chain seq x y z
N ASP A 20 -0.45 -21.62 4.09
CA ASP A 20 -0.55 -20.59 3.07
C ASP A 20 -2.01 -20.32 2.76
N ASN A 21 -2.71 -21.31 2.21
CA ASN A 21 -4.11 -21.14 1.87
C ASN A 21 -4.98 -20.98 3.12
N MET A 22 -4.64 -21.67 4.22
CA MET A 22 -5.46 -21.51 5.42
C MET A 22 -5.31 -20.11 6.02
N PHE A 23 -4.25 -19.37 5.69
CA PHE A 23 -4.10 -18.01 6.17
C PHE A 23 -4.60 -16.97 5.18
N CYS A 24 -4.80 -17.31 3.91
CA CYS A 24 -5.27 -16.33 2.93
C CYS A 24 -6.06 -17.04 1.84
N ASN A 25 -7.39 -16.89 1.90
CA ASN A 25 -8.31 -17.49 0.95
C ASN A 25 -9.40 -16.46 0.66
N LYS A 26 -10.44 -16.85 -0.09
CA LYS A 26 -11.42 -15.86 -0.54
C LYS A 26 -12.27 -15.30 0.58
N GLU A 27 -12.39 -16.00 1.72
CA GLU A 27 -13.22 -15.51 2.81
C GLU A 27 -12.42 -14.85 3.93
N TYR A 28 -11.20 -15.30 4.18
CA TYR A 28 -10.38 -14.78 5.25
C TYR A 28 -8.93 -14.72 4.80
N CYS A 29 -8.28 -13.60 5.06
CA CYS A 29 -6.86 -13.46 4.73
C CYS A 29 -6.20 -12.61 5.82
N ASN A 30 -5.33 -13.24 6.60
CA ASN A 30 -4.54 -12.52 7.61
C ASN A 30 -3.20 -13.26 7.70
N ARG A 31 -2.26 -12.84 6.86
CA ARG A 31 -0.95 -13.46 6.85
C ARG A 31 -0.14 -13.12 8.09
N LEU A 32 -0.53 -12.06 8.80
CA LEU A 32 0.18 -11.66 10.02
C LEU A 32 0.06 -12.73 11.10
N LYS A 33 -0.93 -13.62 11.01
CA LYS A 33 -1.08 -14.71 11.98
C LYS A 33 -0.14 -15.88 11.71
N ASP A 34 0.62 -15.85 10.61
CA ASP A 34 1.58 -16.89 10.28
C ASP A 34 2.97 -16.28 10.48
N GLU A 35 3.57 -16.55 11.65
CA GLU A 35 4.81 -15.88 12.01
C GLU A 35 5.94 -16.19 11.04
N ASN A 36 5.81 -17.25 10.25
CA ASN A 36 6.84 -17.60 9.27
C ASN A 36 6.67 -16.88 7.95
N ASN A 37 5.47 -16.37 7.64
CA ASN A 37 5.24 -15.75 6.34
C ASN A 37 6.18 -14.58 6.12
N CYS A 38 6.79 -14.54 4.93
CA CYS A 38 7.61 -13.40 4.53
C CYS A 38 6.93 -12.07 4.85
N ILE A 39 5.63 -11.98 4.53
CA ILE A 39 4.92 -10.72 4.68
C ILE A 39 4.80 -10.33 6.16
N SER A 40 4.71 -11.30 7.07
CA SER A 40 4.62 -10.97 8.48
C SER A 40 5.92 -10.41 9.02
N ASN A 41 7.01 -10.57 8.29
CA ASN A 41 8.32 -10.08 8.70
C ASN A 41 8.65 -8.72 8.10
N LEU A 42 7.70 -8.08 7.44
CA LEU A 42 7.85 -6.69 7.00
C LEU A 42 7.31 -5.79 8.10
N GLN A 43 8.18 -5.27 8.94
CA GLN A 43 7.71 -4.55 10.11
C GLN A 43 7.13 -3.20 9.71
N VAL A 44 6.21 -2.69 10.53
CA VAL A 44 5.62 -1.38 10.32
C VAL A 44 6.69 -0.30 10.42
N GLU A 45 6.58 0.70 9.55
CA GLU A 45 7.48 1.85 9.49
C GLU A 45 6.77 3.12 9.94
N ASP A 46 7.56 4.16 10.21
CA ASP A 46 7.11 5.45 10.69
C ASP A 46 7.61 6.53 9.75
N GLN A 47 6.72 7.10 8.96
CA GLN A 47 7.06 8.17 8.02
C GLN A 47 7.42 9.49 8.70
N GLY A 48 7.13 9.62 9.99
CA GLY A 48 7.43 10.87 10.68
C GLY A 48 6.58 12.00 10.14
N ASN A 49 7.12 13.21 10.23
CA ASN A 49 6.34 14.41 9.94
C ASN A 49 6.60 14.97 8.54
N CYS A 50 6.62 14.09 7.54
CA CYS A 50 6.60 14.45 6.13
C CYS A 50 5.48 13.66 5.46
N ASP A 51 5.00 14.17 4.33
CA ASP A 51 3.89 13.56 3.59
C ASP A 51 4.42 12.57 2.55
N THR A 52 4.96 11.47 3.10
CA THR A 52 5.66 10.49 2.28
C THR A 52 4.95 9.14 2.24
N SER A 53 3.67 9.08 2.63
CA SER A 53 2.95 7.81 2.60
C SER A 53 2.90 7.22 1.19
N TRP A 54 2.89 8.07 0.15
CA TRP A 54 2.87 7.53 -1.21
C TRP A 54 4.06 6.60 -1.44
N ILE A 55 5.20 6.93 -0.83
CA ILE A 55 6.40 6.10 -0.96
C ILE A 55 6.27 4.82 -0.13
N PHE A 56 5.87 4.96 1.14
CA PHE A 56 5.76 3.78 2.00
C PHE A 56 4.76 2.77 1.47
N ALA A 57 3.59 3.24 1.03
CA ALA A 57 2.59 2.29 0.56
C ALA A 57 2.99 1.66 -0.77
N SER A 58 3.60 2.45 -1.66
CA SER A 58 4.02 1.93 -2.95
C SER A 58 5.14 0.93 -2.78
N LYS A 59 6.12 1.25 -1.94
CA LYS A 59 7.25 0.34 -1.76
C LYS A 59 6.82 -0.93 -1.05
N TYR A 60 5.87 -0.83 -0.10
CA TYR A 60 5.39 -2.03 0.57
C TYR A 60 4.70 -2.97 -0.41
N HIS A 61 3.96 -2.42 -1.37
CA HIS A 61 3.35 -3.24 -2.41
C HIS A 61 4.41 -4.01 -3.20
N LEU A 62 5.53 -3.37 -3.55
CA LEU A 62 6.63 -4.10 -4.17
C LEU A 62 7.26 -5.11 -3.22
N GLU A 63 7.39 -4.76 -1.92
CA GLU A 63 7.93 -5.71 -0.94
C GLU A 63 7.05 -6.96 -0.83
N THR A 64 5.71 -6.82 -0.85
CA THR A 64 4.88 -8.03 -0.77
C THR A 64 4.94 -8.82 -2.06
N ILE A 65 5.01 -8.13 -3.21
CA ILE A 65 5.18 -8.84 -4.47
C ILE A 65 6.47 -9.66 -4.44
N ARG A 66 7.56 -9.06 -3.94
CA ARG A 66 8.81 -9.80 -3.80
C ARG A 66 8.67 -10.99 -2.87
N CYS A 67 7.94 -10.84 -1.76
CA CYS A 67 7.68 -11.97 -0.89
C CYS A 67 6.92 -13.08 -1.63
N MET A 68 5.89 -12.70 -2.39
CA MET A 68 5.11 -13.70 -3.11
C MET A 68 5.95 -14.45 -4.14
N LYS A 69 7.02 -13.82 -4.65
CA LYS A 69 7.91 -14.46 -5.63
C LYS A 69 9.10 -15.17 -4.98
N GLY A 70 9.13 -15.27 -3.66
CA GLY A 70 10.11 -16.06 -2.96
C GLY A 70 11.34 -15.33 -2.47
N TYR A 71 11.37 -14.02 -2.54
CA TYR A 71 12.50 -13.25 -2.06
C TYR A 71 12.38 -12.97 -0.56
N GLU A 72 13.51 -12.60 0.05
CA GLU A 72 13.54 -12.26 1.46
C GLU A 72 12.74 -10.99 1.71
N PRO A 73 12.28 -10.76 2.97
CA PRO A 73 11.54 -9.53 3.31
C PRO A 73 12.46 -8.34 3.56
N THR A 74 13.17 -7.93 2.53
CA THR A 74 14.14 -6.83 2.62
C THR A 74 13.44 -5.52 2.30
N LYS A 75 13.60 -4.54 3.17
CA LYS A 75 12.93 -3.26 2.98
C LYS A 75 13.61 -2.41 1.92
N ILE A 76 12.78 -1.75 1.10
CA ILE A 76 13.22 -0.73 0.14
C ILE A 76 13.50 0.58 0.87
N SER A 77 14.52 1.33 0.42
CA SER A 77 14.81 2.65 0.99
C SER A 77 13.76 3.65 0.51
N ALA A 78 12.84 4.03 1.40
CA ALA A 78 11.91 5.10 1.07
C ALA A 78 12.65 6.41 0.82
N LEU A 79 13.73 6.64 1.56
CA LEU A 79 14.46 7.90 1.45
C LEU A 79 15.10 8.08 0.08
N TYR A 80 15.58 6.98 -0.52
CA TYR A 80 16.14 7.07 -1.86
C TYR A 80 15.07 7.54 -2.85
N VAL A 81 13.88 6.96 -2.76
CA VAL A 81 12.80 7.32 -3.66
C VAL A 81 12.37 8.76 -3.42
N ALA A 82 12.36 9.21 -2.16
CA ALA A 82 11.98 10.59 -1.89
C ALA A 82 12.95 11.56 -2.53
N ASN A 83 14.24 11.25 -2.53
CA ASN A 83 15.27 12.24 -2.81
C ASN A 83 15.81 12.19 -4.22
N CYS A 84 15.53 11.14 -4.97
CA CYS A 84 16.12 10.93 -6.29
C CYS A 84 15.01 11.06 -7.33
N TYR A 85 15.06 12.13 -8.11
CA TYR A 85 14.07 12.39 -9.13
C TYR A 85 14.67 13.32 -10.19
N LYS A 86 14.13 13.24 -11.40
CA LYS A 86 14.52 14.14 -12.48
C LYS A 86 13.64 15.39 -12.48
N GLY A 87 14.15 16.48 -13.04
CA GLY A 87 13.34 17.66 -13.30
C GLY A 87 13.46 18.74 -12.23
N GLU A 88 12.49 19.64 -12.20
CA GLU A 88 12.55 20.79 -11.30
C GLU A 88 12.58 20.30 -9.84
N HIS A 89 13.20 21.06 -8.97
CA HIS A 89 13.13 20.76 -7.54
C HIS A 89 11.68 20.66 -7.07
N LYS A 90 11.44 19.73 -6.15
CA LYS A 90 10.13 19.44 -5.59
C LYS A 90 10.15 19.61 -4.08
N ASP A 91 8.95 19.76 -3.49
CA ASP A 91 8.77 19.94 -2.05
C ASP A 91 8.42 18.59 -1.42
N ARG A 92 9.44 17.77 -1.18
CA ARG A 92 9.20 16.36 -0.87
C ARG A 92 8.72 16.09 0.55
N CYS A 93 8.93 17.00 1.49
CA CYS A 93 8.43 16.78 2.84
C CYS A 93 7.00 17.30 2.98
N ASP A 94 6.72 18.46 2.42
CA ASP A 94 5.43 19.09 2.65
C ASP A 94 4.35 18.56 1.73
N GLU A 95 4.71 18.04 0.57
CA GLU A 95 3.72 17.69 -0.45
C GLU A 95 3.93 16.26 -0.93
N GLY A 96 2.90 15.45 -0.81
CA GLY A 96 3.00 14.10 -1.28
C GLY A 96 2.68 14.01 -2.77
N SER A 97 3.11 12.92 -3.36
CA SER A 97 2.93 12.67 -4.79
C SER A 97 2.00 11.47 -4.98
N SER A 98 2.33 10.53 -5.86
CA SER A 98 1.39 9.49 -6.25
C SER A 98 2.14 8.20 -6.55
N PRO A 99 1.43 7.06 -6.55
CA PRO A 99 2.04 5.82 -7.04
C PRO A 99 2.51 5.89 -8.46
N MET A 100 1.83 6.69 -9.29
CA MET A 100 2.30 6.92 -10.66
C MET A 100 3.70 7.50 -10.66
N GLU A 101 3.96 8.50 -9.80
CA GLU A 101 5.30 9.06 -9.81
C GLU A 101 6.31 8.07 -9.26
N PHE A 102 5.90 7.27 -8.28
CA PHE A 102 6.78 6.24 -7.74
C PHE A 102 7.31 5.34 -8.85
N LEU A 103 6.44 4.88 -9.74
CA LEU A 103 6.91 4.05 -10.84
C LEU A 103 7.83 4.81 -11.77
N GLN A 104 7.56 6.09 -12.01
CA GLN A 104 8.43 6.88 -12.90
C GLN A 104 9.84 6.97 -12.34
N ILE A 105 9.97 7.09 -11.03
CA ILE A 105 11.29 7.17 -10.41
C ILE A 105 12.04 5.86 -10.62
N ILE A 106 11.36 4.72 -10.44
CA ILE A 106 11.97 3.43 -10.76
C ILE A 106 12.41 3.38 -12.22
N GLU A 107 11.54 3.81 -13.13
CA GLU A 107 11.92 3.77 -14.55
C GLU A 107 13.15 4.63 -14.81
N ASP A 108 13.22 5.80 -14.18
CA ASP A 108 14.29 6.74 -14.47
C ASP A 108 15.61 6.33 -13.84
N TYR A 109 15.58 5.66 -12.69
CA TYR A 109 16.80 5.35 -11.94
C TYR A 109 17.21 3.89 -12.01
N GLY A 110 16.27 2.97 -12.18
CA GLY A 110 16.62 1.56 -12.31
C GLY A 110 17.17 0.91 -11.06
N PHE A 111 17.19 1.61 -9.93
CA PHE A 111 17.83 1.11 -8.72
C PHE A 111 16.94 1.42 -7.53
N LEU A 112 16.65 0.40 -6.74
CA LEU A 112 15.98 0.57 -5.45
C LEU A 112 16.94 0.04 -4.41
N PRO A 113 17.64 0.92 -3.71
CA PRO A 113 18.49 0.45 -2.61
C PRO A 113 17.64 -0.10 -1.47
N ALA A 114 18.31 -0.88 -0.66
CA ALA A 114 17.72 -1.36 0.58
C ALA A 114 17.75 -0.27 1.64
N GLU A 115 16.74 -0.32 2.52
CA GLU A 115 16.70 0.56 3.68
C GLU A 115 18.02 0.59 4.43
N SER A 116 18.63 -0.57 4.62
CA SER A 116 19.89 -0.64 5.36
CA SER A 116 19.89 -0.64 5.36
C SER A 116 20.96 0.26 4.73
N ASN A 117 20.94 0.42 3.41
CA ASN A 117 21.94 1.21 2.72
C ASN A 117 21.72 2.70 2.84
N TYR A 118 20.46 3.13 2.99
CA TYR A 118 20.13 4.56 3.02
C TYR A 118 18.87 4.69 3.86
N PRO A 119 19.01 4.63 5.19
CA PRO A 119 17.84 4.46 6.04
C PRO A 119 17.06 5.74 6.27
N TYR A 120 15.80 5.58 6.65
CA TYR A 120 14.87 6.71 6.68
C TYR A 120 15.00 7.52 7.97
N ASN A 121 15.04 8.83 7.80
CA ASN A 121 14.77 9.79 8.87
C ASN A 121 14.05 10.90 8.17
N TYR A 122 12.87 11.27 8.68
CA TYR A 122 12.06 12.23 7.95
C TYR A 122 12.79 13.55 7.77
N VAL A 123 13.75 13.89 8.65
CA VAL A 123 14.44 15.16 8.52
C VAL A 123 15.35 15.24 7.30
N LYS A 124 15.65 14.09 6.69
CA LYS A 124 16.47 14.00 5.50
C LYS A 124 15.66 14.00 4.20
N VAL A 125 14.34 14.01 4.28
CA VAL A 125 13.50 14.02 3.09
C VAL A 125 13.68 15.38 2.42
N GLY A 126 14.23 15.36 1.19
CA GLY A 126 14.59 16.56 0.46
C GLY A 126 16.08 16.76 0.29
N GLU A 127 16.92 15.97 0.95
CA GLU A 127 18.37 16.15 0.79
C GLU A 127 18.81 15.61 -0.58
N GLN A 128 20.07 15.90 -0.93
CA GLN A 128 20.57 15.48 -2.23
C GLN A 128 20.51 13.97 -2.38
N CYS A 129 20.15 13.52 -3.57
CA CYS A 129 20.15 12.10 -3.88
C CYS A 129 21.54 11.52 -3.68
N PRO A 130 21.69 10.46 -2.90
CA PRO A 130 23.02 9.91 -2.63
C PRO A 130 23.56 9.10 -3.79
N LYS A 131 24.89 9.06 -3.86
CA LYS A 131 25.57 8.16 -4.79
C LYS A 131 25.29 6.72 -4.39
N VAL A 132 25.04 5.87 -5.38
CA VAL A 132 24.88 4.44 -5.10
C VAL A 132 26.27 3.85 -4.87
N GLU A 133 26.48 3.28 -3.69
CA GLU A 133 27.78 2.73 -3.35
C GLU A 133 27.90 1.29 -3.86
N ASP A 134 29.15 0.85 -4.00
CA ASP A 134 29.41 -0.42 -4.67
C ASP A 134 28.76 -1.60 -3.95
N HIS A 135 28.64 -1.53 -2.61
CA HIS A 135 28.12 -2.64 -1.84
C HIS A 135 26.60 -2.62 -1.68
N TRP A 136 25.93 -1.61 -2.23
CA TRP A 136 24.49 -1.50 -2.04
C TRP A 136 23.75 -2.60 -2.81
N MET A 137 22.66 -3.10 -2.22
CA MET A 137 21.75 -4.03 -2.89
C MET A 137 20.81 -3.29 -3.84
N ASN A 138 20.50 -3.91 -4.97
CA ASN A 138 19.45 -3.42 -5.86
C ASN A 138 18.25 -4.36 -5.75
N LEU A 139 17.22 -3.91 -5.05
CA LEU A 139 16.02 -4.73 -4.88
C LEU A 139 15.13 -4.71 -6.11
N TRP A 140 15.55 -4.00 -7.15
CA TRP A 140 14.88 -3.96 -8.44
C TRP A 140 15.68 -4.69 -9.51
N ASP A 141 16.77 -5.36 -9.13
CA ASP A 141 17.50 -6.15 -10.10
C ASP A 141 16.58 -7.17 -10.76
N ASN A 142 16.64 -7.25 -12.09
CA ASN A 142 15.80 -8.10 -12.92
C ASN A 142 14.30 -7.82 -12.75
N GLY A 143 13.93 -6.68 -12.20
CA GLY A 143 12.56 -6.25 -12.25
C GLY A 143 12.27 -5.46 -13.51
N LYS A 144 11.02 -5.55 -13.97
CA LYS A 144 10.55 -4.78 -15.10
C LYS A 144 9.10 -4.36 -14.84
N ILE A 145 8.82 -3.09 -15.05
CA ILE A 145 7.44 -2.61 -15.03
C ILE A 145 6.86 -2.95 -16.40
N LEU A 146 5.68 -3.56 -16.40
CA LEU A 146 5.06 -4.00 -17.64
C LEU A 146 4.30 -2.87 -18.31
N HIS A 147 4.53 -2.70 -19.62
CA HIS A 147 3.77 -1.76 -20.45
C HIS A 147 3.20 -2.47 -21.65
N ASN A 148 2.84 -3.73 -21.47
CA ASN A 148 2.34 -4.54 -22.56
C ASN A 148 0.97 -4.05 -22.97
N LYS A 149 0.73 -4.04 -24.28
CA LYS A 149 -0.53 -3.58 -24.87
C LYS A 149 -1.30 -4.83 -25.26
N ASN A 150 -2.14 -5.31 -24.34
CA ASN A 150 -2.83 -6.58 -24.50
C ASN A 150 -4.33 -6.47 -24.78
N GLU A 151 -4.96 -5.51 -24.11
CA GLU A 151 -6.41 -5.28 -24.25
C GLU A 151 -6.67 -4.62 -25.61
N PRO A 152 -7.92 -4.68 -26.14
CA PRO A 152 -8.26 -4.06 -27.42
C PRO A 152 -8.58 -2.59 -27.25
N ASN A 153 -7.74 -1.90 -26.49
CA ASN A 153 -7.89 -0.47 -26.30
C ASN A 153 -6.53 0.10 -25.91
N SER A 154 -6.36 1.38 -26.15
CA SER A 154 -5.05 2.00 -26.00
C SER A 154 -4.72 2.37 -24.54
N LEU A 155 -5.58 2.06 -23.58
CA LEU A 155 -5.42 2.54 -22.20
C LEU A 155 -4.65 1.59 -21.28
N ASP A 156 -4.34 0.37 -21.70
CA ASP A 156 -3.56 -0.48 -20.80
C ASP A 156 -2.08 -0.18 -20.97
N GLY A 157 -1.24 -0.89 -20.21
CA GLY A 157 0.18 -0.71 -20.31
C GLY A 157 0.75 0.49 -19.60
N LYS A 158 0.02 1.10 -18.66
CA LYS A 158 0.58 2.26 -17.95
C LYS A 158 1.61 1.84 -16.91
N GLY A 159 1.60 0.57 -16.49
CA GLY A 159 2.44 0.05 -15.43
C GLY A 159 1.70 -0.12 -14.12
N TYR A 160 0.57 0.55 -13.98
CA TYR A 160 -0.30 0.45 -12.82
C TYR A 160 -1.72 0.34 -13.32
N THR A 161 -2.59 -0.17 -12.45
CA THR A 161 -4.03 -0.16 -12.68
C THR A 161 -4.69 0.39 -11.43
N ALA A 162 -5.62 1.33 -11.59
CA ALA A 162 -6.29 1.98 -10.47
C ALA A 162 -7.79 1.80 -10.59
N TYR A 163 -8.46 1.60 -9.45
CA TYR A 163 -9.90 1.46 -9.36
C TYR A 163 -10.41 2.40 -8.29
N GLU A 164 -11.53 3.07 -8.55
CA GLU A 164 -12.12 4.03 -7.62
C GLU A 164 -13.45 3.51 -7.09
N SER A 165 -13.64 3.58 -5.78
CA SER A 165 -14.90 3.11 -5.22
C SER A 165 -16.10 3.89 -5.74
N GLU A 166 -15.93 5.18 -6.02
CA GLU A 166 -17.05 5.97 -6.55
C GLU A 166 -17.51 5.41 -7.89
N ARG A 167 -16.59 4.90 -8.71
CA ARG A 167 -16.99 4.31 -9.99
C ARG A 167 -17.65 2.95 -9.82
N PHE A 168 -17.48 2.31 -8.67
CA PHE A 168 -18.11 1.04 -8.36
C PHE A 168 -19.27 1.18 -7.37
N HIS A 169 -19.84 2.38 -7.25
CA HIS A 169 -20.83 2.61 -6.19
C HIS A 169 -22.05 1.69 -6.33
N ASP A 170 -22.43 1.34 -7.55
CA ASP A 170 -23.53 0.40 -7.78
C ASP A 170 -23.07 -1.04 -7.96
N ASN A 171 -21.80 -1.31 -7.73
CA ASN A 171 -21.26 -2.65 -7.93
C ASN A 171 -20.09 -2.88 -6.97
N MET A 172 -20.33 -2.63 -5.67
CA MET A 172 -19.25 -2.74 -4.70
C MET A 172 -18.79 -4.18 -4.50
N ASP A 173 -19.63 -5.17 -4.78
N ASP A 173 -19.63 -5.17 -4.78
CA ASP A 173 -19.19 -6.56 -4.69
CA ASP A 173 -19.19 -6.56 -4.69
C ASP A 173 -18.01 -6.82 -5.63
C ASP A 173 -18.03 -6.82 -5.64
N ALA A 174 -18.05 -6.21 -6.83
CA ALA A 174 -16.96 -6.39 -7.78
C ALA A 174 -15.69 -5.69 -7.30
N PHE A 175 -15.83 -4.50 -6.71
CA PHE A 175 -14.69 -3.78 -6.15
C PHE A 175 -14.02 -4.64 -5.07
N VAL A 176 -14.83 -5.21 -4.17
CA VAL A 176 -14.30 -6.08 -3.12
C VAL A 176 -13.59 -7.29 -3.72
N LYS A 177 -14.20 -7.94 -4.72
CA LYS A 177 -13.60 -9.13 -5.30
C LYS A 177 -12.26 -8.82 -5.98
N ILE A 178 -12.18 -7.67 -6.66
CA ILE A 178 -10.92 -7.27 -7.28
C ILE A 178 -9.84 -7.15 -6.23
N ILE A 179 -10.12 -6.45 -5.13
CA ILE A 179 -9.13 -6.23 -4.10
C ILE A 179 -8.72 -7.55 -3.45
N LYS A 180 -9.70 -8.41 -3.13
CA LYS A 180 -9.35 -9.68 -2.51
C LYS A 180 -8.41 -10.49 -3.40
N THR A 181 -8.72 -10.56 -4.70
CA THR A 181 -7.87 -11.29 -5.63
C THR A 181 -6.43 -10.76 -5.65
N GLU A 182 -6.27 -9.44 -5.64
CA GLU A 182 -4.94 -8.85 -5.68
C GLU A 182 -4.21 -9.04 -4.36
N VAL A 183 -4.91 -8.95 -3.23
CA VAL A 183 -4.28 -9.23 -1.95
C VAL A 183 -3.78 -10.67 -1.91
N MET A 184 -4.60 -11.61 -2.40
CA MET A 184 -4.17 -13.01 -2.43
CA MET A 184 -4.18 -13.01 -2.45
C MET A 184 -2.95 -13.20 -3.33
N ASN A 185 -2.95 -12.57 -4.51
CA ASN A 185 -1.92 -12.86 -5.51
C ASN A 185 -0.66 -12.03 -5.33
N LYS A 186 -0.79 -10.75 -4.96
CA LYS A 186 0.36 -9.86 -4.83
C LYS A 186 0.75 -9.57 -3.39
N GLY A 187 -0.08 -9.96 -2.41
CA GLY A 187 0.19 -9.74 -1.01
C GLY A 187 -0.40 -8.47 -0.45
N SER A 188 -0.87 -7.57 -1.31
CA SER A 188 -1.37 -6.28 -0.87
C SER A 188 -1.92 -5.55 -2.09
N VAL A 189 -2.66 -4.47 -1.83
CA VAL A 189 -2.83 -3.39 -2.79
C VAL A 189 -2.45 -2.09 -2.09
N ILE A 190 -2.20 -1.06 -2.90
CA ILE A 190 -2.13 0.31 -2.40
C ILE A 190 -3.55 0.83 -2.32
N ALA A 191 -3.89 1.52 -1.24
CA ALA A 191 -5.22 2.12 -1.11
C ALA A 191 -5.09 3.57 -0.71
N TYR A 192 -5.98 4.42 -1.18
CA TYR A 192 -5.99 5.85 -0.82
C TYR A 192 -7.16 6.12 0.12
N ILE A 193 -6.90 6.84 1.19
CA ILE A 193 -7.89 7.31 2.15
C ILE A 193 -7.65 8.79 2.41
N LYS A 194 -8.60 9.43 3.09
CA LYS A 194 -8.40 10.77 3.62
CA LYS A 194 -8.38 10.77 3.62
C LYS A 194 -7.87 10.61 5.05
N ALA A 195 -6.67 11.16 5.31
CA ALA A 195 -6.00 10.93 6.58
C ALA A 195 -6.88 11.36 7.75
N GLU A 196 -7.64 12.44 7.59
CA GLU A 196 -8.49 12.90 8.69
C GLU A 196 -9.36 11.77 9.24
N ASN A 197 -9.75 10.83 8.37
CA ASN A 197 -10.75 9.85 8.75
C ASN A 197 -10.23 8.85 9.76
N VAL A 198 -8.91 8.73 9.91
CA VAL A 198 -8.32 7.81 10.90
C VAL A 198 -7.74 8.54 12.10
N MET A 199 -8.08 9.83 12.26
CA MET A 199 -7.56 10.67 13.33
CA MET A 199 -7.52 10.62 13.35
C MET A 199 -8.37 10.61 14.61
N GLY A 200 -9.56 9.99 14.58
CA GLY A 200 -10.37 9.93 15.78
C GLY A 200 -9.68 9.16 16.89
N TYR A 201 -9.99 9.56 18.13
CA TYR A 201 -9.48 8.86 19.30
C TYR A 201 -9.75 7.35 19.21
N GLU A 202 -10.88 6.97 18.63
CA GLU A 202 -11.33 5.59 18.58
C GLU A 202 -10.45 4.71 17.70
N PHE A 203 -9.59 5.28 16.86
CA PHE A 203 -8.74 4.46 16.00
C PHE A 203 -7.61 3.80 16.75
N SER A 204 -7.39 4.13 18.01
CA SER A 204 -6.51 3.32 18.85
C SER A 204 -7.35 2.15 19.37
N GLY A 205 -6.83 0.94 19.28
CA GLY A 205 -7.56 -0.21 19.74
C GLY A 205 -7.91 -1.16 18.62
N LYS A 206 -8.68 -2.19 18.96
CA LYS A 206 -8.80 -3.38 18.12
C LYS A 206 -10.16 -3.55 17.47
N LYS A 207 -11.07 -2.62 17.69
CA LYS A 207 -12.40 -2.69 17.10
C LYS A 207 -12.34 -2.54 15.58
N VAL A 208 -13.34 -3.07 14.88
CA VAL A 208 -13.50 -2.76 13.46
C VAL A 208 -14.14 -1.39 13.34
N GLN A 209 -13.43 -0.47 12.71
CA GLN A 209 -13.95 0.88 12.51
C GLN A 209 -15.04 0.85 11.44
N ASN A 210 -15.95 1.81 11.50
CA ASN A 210 -17.10 1.85 10.61
C ASN A 210 -17.44 3.30 10.31
N LEU A 211 -17.21 3.74 9.08
CA LEU A 211 -17.36 5.15 8.79
C LEU A 211 -17.38 5.36 7.28
N CYS A 212 -17.83 6.54 6.90
CA CYS A 212 -17.81 6.97 5.51
C CYS A 212 -16.46 7.59 5.15
N GLY A 213 -16.15 7.54 3.87
CA GLY A 213 -15.08 8.32 3.30
C GLY A 213 -15.55 9.70 2.89
N ASP A 214 -14.70 10.38 2.13
CA ASP A 214 -14.94 11.72 1.63
C ASP A 214 -14.86 11.69 0.11
N ASP A 215 -15.10 12.85 -0.50
CA ASP A 215 -15.07 12.94 -1.95
C ASP A 215 -13.67 12.70 -2.49
N THR A 216 -12.64 13.00 -1.69
CA THR A 216 -11.25 12.92 -2.09
C THR A 216 -10.46 12.13 -1.07
N ALA A 217 -9.18 11.93 -1.38
CA ALA A 217 -8.22 11.25 -0.52
C ALA A 217 -6.90 11.99 -0.56
N ASP A 218 -6.02 11.66 0.41
CA ASP A 218 -4.74 12.35 0.50
C ASP A 218 -3.64 11.54 1.17
N HIS A 219 -3.85 10.25 1.46
CA HIS A 219 -2.91 9.47 2.25
C HIS A 219 -2.99 8.04 1.76
N ALA A 220 -1.83 7.48 1.46
CA ALA A 220 -1.74 6.13 0.94
C ALA A 220 -1.43 5.14 2.06
N VAL A 221 -2.18 4.03 2.07
CA VAL A 221 -2.05 2.92 2.99
C VAL A 221 -2.04 1.64 2.16
N ASN A 222 -2.04 0.47 2.82
CA ASN A 222 -2.13 -0.79 2.08
C ASN A 222 -3.26 -1.63 2.67
N ILE A 223 -4.06 -2.23 1.80
CA ILE A 223 -4.95 -3.30 2.23
C ILE A 223 -4.16 -4.60 2.15
N VAL A 224 -4.11 -5.33 3.27
CA VAL A 224 -3.25 -6.49 3.41
C VAL A 224 -4.00 -7.76 3.77
N GLY A 225 -5.29 -7.67 4.03
CA GLY A 225 -6.07 -8.83 4.41
C GLY A 225 -7.51 -8.41 4.62
N TYR A 226 -8.31 -9.34 5.14
CA TYR A 226 -9.75 -9.15 5.22
C TYR A 226 -10.35 -10.33 5.97
N GLY A 227 -11.59 -10.15 6.41
CA GLY A 227 -12.29 -11.22 7.08
C GLY A 227 -13.72 -10.83 7.35
N ASN A 228 -14.46 -11.76 7.92
CA ASN A 228 -15.85 -11.53 8.27
C ASN A 228 -15.97 -11.36 9.78
N TYR A 229 -16.98 -10.62 10.19
CA TYR A 229 -17.22 -10.36 11.62
C TYR A 229 -18.69 -9.99 11.80
N VAL A 230 -19.09 -9.82 13.05
CA VAL A 230 -20.42 -9.32 13.38
C VAL A 230 -20.23 -7.98 14.07
N ASN A 231 -20.95 -6.96 13.62
CA ASN A 231 -20.81 -5.63 14.21
C ASN A 231 -21.61 -5.51 15.53
N SER A 232 -21.48 -4.33 16.17
CA SER A 232 -22.09 -4.11 17.48
C SER A 232 -23.61 -4.19 17.44
N GLU A 233 -24.21 -4.06 16.24
CA GLU A 233 -25.63 -4.13 15.99
C GLU A 233 -26.09 -5.54 15.62
N GLY A 234 -25.18 -6.51 15.67
CA GLY A 234 -25.55 -7.87 15.37
C GLY A 234 -25.65 -8.21 13.91
N GLU A 235 -25.06 -7.40 13.03
CA GLU A 235 -25.14 -7.63 11.60
C GLU A 235 -23.87 -8.30 11.11
N LYS A 236 -24.03 -9.32 10.25
CA LYS A 236 -22.88 -9.96 9.63
C LYS A 236 -22.29 -9.02 8.58
N LYS A 237 -20.99 -8.75 8.70
CA LYS A 237 -20.29 -7.75 7.90
C LYS A 237 -18.90 -8.29 7.57
N SER A 238 -18.10 -7.49 6.88
CA SER A 238 -16.72 -7.84 6.54
C SER A 238 -15.82 -6.63 6.75
N TYR A 239 -14.53 -6.90 6.94
CA TYR A 239 -13.56 -5.84 7.16
C TYR A 239 -12.35 -6.02 6.26
N TRP A 240 -11.68 -4.90 5.96
CA TRP A 240 -10.32 -4.87 5.46
C TRP A 240 -9.36 -4.77 6.63
N ILE A 241 -8.19 -5.40 6.51
CA ILE A 241 -7.04 -5.16 7.37
C ILE A 241 -6.14 -4.20 6.60
N VAL A 242 -5.84 -3.07 7.23
CA VAL A 242 -5.11 -1.96 6.59
C VAL A 242 -3.84 -1.67 7.37
N ARG A 243 -2.74 -1.58 6.63
CA ARG A 243 -1.43 -1.19 7.13
C ARG A 243 -1.24 0.32 6.93
N ASN A 244 -0.81 1.01 8.00
CA ASN A 244 -0.43 2.41 7.95
C ASN A 244 1.08 2.52 8.17
N SER A 245 1.60 3.74 7.97
CA SER A 245 3.01 4.06 8.07
C SER A 245 3.26 5.14 9.14
N TRP A 246 2.55 5.02 10.26
CA TRP A 246 2.67 5.95 11.39
C TRP A 246 3.31 5.26 12.59
N GLY A 247 4.05 4.18 12.33
CA GLY A 247 4.75 3.48 13.36
C GLY A 247 3.91 2.42 14.04
N PRO A 248 4.58 1.57 14.82
CA PRO A 248 3.89 0.40 15.42
C PRO A 248 3.10 0.70 16.68
N TYR A 249 3.04 1.94 17.14
CA TYR A 249 2.21 2.32 18.28
C TYR A 249 0.93 3.04 17.86
N TRP A 250 0.73 3.25 16.57
CA TRP A 250 -0.48 3.84 16.05
C TRP A 250 -1.50 2.74 15.78
N GLY A 251 -2.75 3.00 16.12
CA GLY A 251 -3.83 2.07 15.74
C GLY A 251 -3.73 0.80 16.54
N ASP A 252 -3.76 -0.34 15.84
CA ASP A 252 -3.58 -1.67 16.45
C ASP A 252 -2.24 -2.22 15.94
N GLU A 253 -1.17 -1.89 16.67
CA GLU A 253 0.19 -2.28 16.27
C GLU A 253 0.57 -1.80 14.87
N GLY A 254 0.05 -0.65 14.47
CA GLY A 254 0.38 -0.04 13.20
C GLY A 254 -0.63 -0.31 12.11
N TYR A 255 -1.61 -1.18 12.36
CA TYR A 255 -2.66 -1.59 11.45
C TYR A 255 -4.02 -1.17 12.00
N PHE A 256 -5.07 -1.32 11.20
CA PHE A 256 -6.42 -1.21 11.70
C PHE A 256 -7.34 -2.06 10.85
N LYS A 257 -8.53 -2.33 11.37
CA LYS A 257 -9.60 -2.99 10.63
C LYS A 257 -10.72 -2.00 10.37
N VAL A 258 -11.32 -2.06 9.19
CA VAL A 258 -12.37 -1.14 8.81
C VAL A 258 -13.43 -1.90 8.02
N ASP A 259 -14.70 -1.61 8.33
CA ASP A 259 -15.80 -2.25 7.63
C ASP A 259 -15.72 -1.93 6.14
N MET A 260 -15.88 -2.98 5.32
CA MET A 260 -15.69 -2.82 3.88
C MET A 260 -16.74 -1.93 3.25
N TYR A 261 -17.95 -1.94 3.76
CA TYR A 261 -19.03 -1.19 3.14
C TYR A 261 -19.37 0.08 3.90
N GLY A 262 -19.17 0.08 5.21
CA GLY A 262 -19.47 1.23 6.03
C GLY A 262 -20.95 1.45 6.23
N PRO A 263 -21.32 2.55 6.89
CA PRO A 263 -22.73 2.85 7.10
C PRO A 263 -23.49 2.97 5.79
N THR A 264 -24.77 2.58 5.83
CA THR A 264 -25.56 2.54 4.61
C THR A 264 -25.78 3.93 4.04
N HIS A 265 -25.80 4.96 4.88
CA HIS A 265 -26.08 6.31 4.39
C HIS A 265 -24.92 6.94 3.63
N CYS A 266 -23.73 6.33 3.64
CA CYS A 266 -22.55 7.01 3.14
C CYS A 266 -22.65 7.28 1.66
N HIS A 267 -22.33 8.51 1.25
N HIS A 267 -22.33 8.51 1.25
CA HIS A 267 -22.15 8.79 -0.16
C HIS A 267 -20.83 8.22 -0.67
N PHE A 268 -19.81 8.17 0.18
CA PHE A 268 -18.48 7.76 -0.22
C PHE A 268 -17.97 6.65 0.70
N ASN A 269 -17.31 5.67 0.09
CA ASN A 269 -16.68 4.60 0.85
C ASN A 269 -15.40 5.11 1.50
N PHE A 270 -15.07 4.52 2.66
CA PHE A 270 -13.81 4.85 3.34
C PHE A 270 -12.58 4.63 2.44
N ILE A 271 -12.59 3.60 1.61
CA ILE A 271 -11.52 3.37 0.65
C ILE A 271 -11.88 4.17 -0.60
N HIS A 272 -11.10 5.21 -0.89
CA HIS A 272 -11.35 6.02 -2.07
C HIS A 272 -11.01 5.27 -3.36
N SER A 273 -9.87 4.61 -3.37
CA SER A 273 -9.32 4.01 -4.57
C SER A 273 -8.24 3.03 -4.16
N VAL A 274 -7.93 2.14 -5.09
CA VAL A 274 -6.81 1.22 -4.95
C VAL A 274 -5.96 1.26 -6.20
N VAL A 275 -4.68 0.94 -6.03
CA VAL A 275 -3.71 0.86 -7.12
C VAL A 275 -2.93 -0.44 -6.98
N ILE A 276 -2.71 -1.10 -8.12
CA ILE A 276 -1.84 -2.26 -8.23
C ILE A 276 -0.76 -1.98 -9.25
N PHE A 277 0.43 -2.52 -9.00
CA PHE A 277 1.55 -2.41 -9.92
C PHE A 277 1.64 -3.67 -10.78
N ASN A 278 1.88 -3.48 -12.06
CA ASN A 278 1.99 -4.58 -13.03
C ASN A 278 3.47 -4.76 -13.35
N VAL A 279 4.09 -5.77 -12.73
CA VAL A 279 5.53 -5.98 -12.88
C VAL A 279 5.84 -7.41 -13.24
N ASP A 280 6.95 -7.60 -13.93
CA ASP A 280 7.52 -8.91 -14.18
C ASP A 280 8.71 -9.07 -13.24
N LEU A 281 8.73 -10.14 -12.49
CA LEU A 281 9.80 -10.41 -11.56
C LEU A 281 9.97 -11.92 -11.51
N PRO A 282 11.12 -12.47 -11.88
CA PRO A 282 11.28 -13.93 -11.82
C PRO A 282 11.16 -14.44 -10.40
N MET A 283 10.63 -15.66 -10.28
CA MET A 283 10.65 -16.36 -9.00
C MET A 283 12.09 -16.51 -8.54
N ASN A 284 12.30 -16.32 -7.24
CA ASN A 284 13.64 -16.41 -6.68
C ASN A 284 14.19 -17.83 -6.79
#